data_1PJY
#
_entry.id   1PJY
#
_entity_poly.entity_id   1
_entity_poly.type   'polyribonucleotide'
_entity_poly.pdbx_seq_one_letter_code
;GGCCUUCCCACAAGGGAAGGCC
;
_entity_poly.pdbx_strand_id   A
#